data_6T2T
#
_entry.id   6T2T
#
_cell.length_a   76.201
_cell.length_b   76.201
_cell.length_c   100.650
_cell.angle_alpha   90.000
_cell.angle_beta   90.000
_cell.angle_gamma   90.000
#
_symmetry.space_group_name_H-M   'P 42 21 2'
#
loop_
_entity.id
_entity.type
_entity.pdbx_description
1 polymer 'Glutathione S-transferase E14'
2 non-polymer GLUTATHIONE
3 non-polymer (4S)-2-METHYL-2,4-PENTANEDIOL
4 water water
#
_entity_poly.entity_id   1
_entity_poly.type   'polypeptide(L)'
_entity_poly.pdbx_seq_one_letter_code
;MSQPKPILYYDERSPPVRSCLMLIKLLDIDVELRFVNLFKGEQFQKDFLALNPQHSVPTLVHGDLVLTDSHAILIHLAEK
FDEGGSLWPQEHAERMKVLNLLLFECSFLFRRDSDFMSATVRQGFANVDVAHHERKLTEAYIIMERYLENSDFMAGPQLT
LADLSIVTTLSTVNLMFPLSQFPRLRRWFTAMQQLDAYEANCSGLEKLRQTMESVGSFQFPSSSAVVTEKVEHHHHHH
;
_entity_poly.pdbx_strand_id   A
#
loop_
_chem_comp.id
_chem_comp.type
_chem_comp.name
_chem_comp.formula
GSH non-polymer GLUTATHIONE 'C10 H17 N3 O6 S'
MPD non-polymer (4S)-2-METHYL-2,4-PENTANEDIOL 'C6 H14 O2'
#
# COMPACT_ATOMS: atom_id res chain seq x y z
N PRO A 4 0.82 -27.25 -0.72
CA PRO A 4 0.52 -26.59 -2.01
C PRO A 4 0.93 -25.12 -1.98
N LYS A 5 1.19 -24.54 -3.14
CA LYS A 5 1.74 -23.17 -3.15
C LYS A 5 0.61 -22.19 -2.87
N PRO A 6 0.99 -21.01 -2.37
CA PRO A 6 -0.03 -20.03 -2.01
C PRO A 6 -0.83 -19.53 -3.22
N ILE A 7 -2.04 -19.13 -2.94
CA ILE A 7 -2.99 -18.51 -3.92
C ILE A 7 -3.31 -17.11 -3.43
N LEU A 8 -3.00 -16.11 -4.24
CA LEU A 8 -3.31 -14.70 -3.90
C LEU A 8 -4.50 -14.24 -4.70
N TYR A 9 -5.56 -13.79 -4.02
CA TYR A 9 -6.73 -13.13 -4.57
C TYR A 9 -6.51 -11.64 -4.47
N TYR A 10 -6.63 -10.92 -5.57
N TYR A 10 -6.63 -10.94 -5.58
CA TYR A 10 -6.07 -9.55 -5.65
CA TYR A 10 -6.26 -9.51 -5.53
C TYR A 10 -6.85 -8.70 -6.65
C TYR A 10 -6.81 -8.69 -6.69
N ASP A 11 -6.72 -7.38 -6.48
CA ASP A 11 -6.96 -6.34 -7.49
C ASP A 11 -5.77 -5.42 -7.36
N GLU A 12 -4.92 -5.29 -8.38
CA GLU A 12 -3.67 -4.54 -8.24
C GLU A 12 -3.89 -3.06 -7.99
N ARG A 13 -5.10 -2.56 -8.18
CA ARG A 13 -5.35 -1.16 -7.80
C ARG A 13 -5.21 -0.94 -6.29
N SER A 14 -5.43 -1.96 -5.50
CA SER A 14 -5.38 -1.84 -4.03
C SER A 14 -3.95 -1.68 -3.51
N PRO A 15 -3.67 -0.65 -2.68
CA PRO A 15 -2.32 -0.55 -2.15
C PRO A 15 -1.88 -1.73 -1.30
N PRO A 16 -2.67 -2.25 -0.35
CA PRO A 16 -2.19 -3.42 0.39
C PRO A 16 -1.95 -4.62 -0.52
N VAL A 17 -2.73 -4.78 -1.58
CA VAL A 17 -2.39 -5.83 -2.58
C VAL A 17 -0.99 -5.58 -3.15
N ARG A 18 -0.72 -4.36 -3.58
CA ARG A 18 0.59 -4.02 -4.17
C ARG A 18 1.71 -4.31 -3.16
N SER A 19 1.49 -4.14 -1.86
N SER A 19 1.50 -4.13 -1.85
CA SER A 19 2.56 -4.46 -0.89
CA SER A 19 2.54 -4.43 -0.84
C SER A 19 2.90 -5.94 -1.01
C SER A 19 2.90 -5.92 -0.95
N CYS A 20 1.87 -6.77 -1.07
CA CYS A 20 2.09 -8.21 -1.22
C CYS A 20 2.75 -8.53 -2.58
N LEU A 21 2.32 -7.91 -3.68
CA LEU A 21 3.00 -8.14 -4.98
C LEU A 21 4.45 -7.76 -4.84
N MET A 22 4.77 -6.66 -4.16
CA MET A 22 6.19 -6.27 -4.01
C MET A 22 6.95 -7.33 -3.23
N LEU A 23 6.40 -7.87 -2.17
CA LEU A 23 7.12 -8.92 -1.41
C LEU A 23 7.31 -10.16 -2.26
N ILE A 24 6.27 -10.56 -2.95
CA ILE A 24 6.35 -11.77 -3.84
C ILE A 24 7.47 -11.57 -4.87
N LYS A 25 7.58 -10.40 -5.47
CA LYS A 25 8.67 -10.16 -6.44
C LYS A 25 9.98 -10.17 -5.71
N LEU A 26 10.11 -9.46 -4.61
CA LEU A 26 11.40 -9.33 -3.87
C LEU A 26 11.93 -10.70 -3.49
N LEU A 27 11.10 -11.60 -3.00
CA LEU A 27 11.52 -12.92 -2.50
C LEU A 27 11.38 -13.98 -3.60
N ASP A 28 10.96 -13.62 -4.79
CA ASP A 28 10.78 -14.55 -5.93
C ASP A 28 9.91 -15.71 -5.49
N ILE A 29 8.77 -15.43 -4.86
CA ILE A 29 7.87 -16.48 -4.37
C ILE A 29 6.96 -16.96 -5.50
N ASP A 30 6.76 -18.25 -5.62
CA ASP A 30 5.87 -18.87 -6.62
C ASP A 30 4.47 -18.94 -6.02
N VAL A 31 3.59 -18.06 -6.50
N VAL A 31 3.57 -18.09 -6.55
CA VAL A 31 2.19 -18.08 -6.03
CA VAL A 31 2.19 -17.88 -6.01
C VAL A 31 1.29 -18.25 -7.26
C VAL A 31 1.16 -17.94 -7.16
N GLU A 32 0.11 -18.73 -6.99
CA GLU A 32 -1.01 -18.68 -7.95
C GLU A 32 -1.72 -17.33 -7.81
N LEU A 33 -2.42 -16.88 -8.82
CA LEU A 33 -3.09 -15.58 -8.84
C LEU A 33 -4.55 -15.73 -9.21
N ARG A 34 -5.40 -14.95 -8.58
CA ARG A 34 -6.82 -14.85 -8.91
C ARG A 34 -7.22 -13.39 -8.90
N PHE A 35 -7.76 -12.87 -9.98
CA PHE A 35 -8.16 -11.46 -10.08
C PHE A 35 -9.59 -11.30 -9.66
N VAL A 36 -9.82 -10.52 -8.59
CA VAL A 36 -11.15 -10.15 -8.07
C VAL A 36 -11.32 -8.67 -8.37
N ASN A 37 -12.19 -8.29 -9.31
CA ASN A 37 -12.32 -6.90 -9.77
C ASN A 37 -13.22 -6.15 -8.78
N LEU A 38 -12.64 -5.35 -7.89
CA LEU A 38 -13.41 -4.64 -6.85
C LEU A 38 -14.36 -3.62 -7.45
N PHE A 39 -13.99 -2.99 -8.54
CA PHE A 39 -14.85 -1.93 -9.13
C PHE A 39 -16.03 -2.58 -9.86
N LYS A 40 -16.08 -3.90 -10.01
CA LYS A 40 -17.27 -4.61 -10.54
CA LYS A 40 -17.27 -4.60 -10.53
C LYS A 40 -17.95 -5.43 -9.43
N GLY A 41 -17.56 -5.25 -8.17
CA GLY A 41 -18.28 -5.93 -7.09
C GLY A 41 -17.99 -7.40 -7.00
N GLU A 42 -16.88 -7.89 -7.58
CA GLU A 42 -16.59 -9.34 -7.62
C GLU A 42 -16.18 -9.89 -6.26
N GLN A 43 -15.86 -8.99 -5.32
CA GLN A 43 -15.55 -9.41 -3.94
C GLN A 43 -16.81 -9.92 -3.22
N PHE A 44 -18.00 -9.71 -3.81
CA PHE A 44 -19.29 -10.21 -3.25
C PHE A 44 -19.68 -11.53 -3.91
N GLN A 45 -18.90 -12.05 -4.86
CA GLN A 45 -19.21 -13.35 -5.52
C GLN A 45 -19.28 -14.40 -4.40
N LYS A 46 -20.24 -15.32 -4.46
CA LYS A 46 -20.54 -16.19 -3.28
C LYS A 46 -19.32 -16.97 -2.80
N ASP A 47 -18.48 -17.53 -3.67
CA ASP A 47 -17.33 -18.33 -3.24
C ASP A 47 -16.29 -17.42 -2.57
N PHE A 48 -16.09 -16.21 -3.09
CA PHE A 48 -15.05 -15.34 -2.48
C PHE A 48 -15.55 -14.86 -1.11
N LEU A 49 -16.82 -14.53 -1.03
CA LEU A 49 -17.41 -14.05 0.24
C LEU A 49 -17.40 -15.16 1.28
N ALA A 50 -17.58 -16.42 0.88
CA ALA A 50 -17.50 -17.56 1.83
C ALA A 50 -16.07 -17.71 2.31
N LEU A 51 -15.09 -17.45 1.45
CA LEU A 51 -13.67 -17.53 1.79
C LEU A 51 -13.28 -16.39 2.76
N ASN A 52 -13.68 -15.18 2.42
CA ASN A 52 -13.34 -13.95 3.14
C ASN A 52 -14.59 -13.13 3.37
N PRO A 53 -15.22 -13.30 4.56
CA PRO A 53 -16.42 -12.54 4.85
C PRO A 53 -16.28 -11.02 4.87
N GLN A 54 -15.03 -10.55 5.01
CA GLN A 54 -14.74 -9.12 4.93
C GLN A 54 -14.69 -8.61 3.47
N HIS A 55 -14.82 -9.52 2.49
CA HIS A 55 -14.92 -9.10 1.05
C HIS A 55 -13.80 -8.12 0.68
N SER A 56 -12.57 -8.50 1.02
CA SER A 56 -11.40 -7.62 0.87
C SER A 56 -10.28 -8.34 0.15
N VAL A 57 -9.46 -7.52 -0.52
CA VAL A 57 -8.18 -7.99 -1.08
C VAL A 57 -7.06 -7.17 -0.45
N PRO A 58 -5.90 -7.77 -0.24
CA PRO A 58 -5.57 -9.15 -0.63
C PRO A 58 -6.12 -10.22 0.31
N THR A 59 -6.38 -11.39 -0.26
CA THR A 59 -6.66 -12.63 0.49
C THR A 59 -5.68 -13.67 0.02
N LEU A 60 -5.13 -14.46 0.93
CA LEU A 60 -4.17 -15.52 0.59
C LEU A 60 -4.71 -16.84 1.11
N VAL A 61 -4.70 -17.86 0.25
CA VAL A 61 -5.00 -19.24 0.70
C VAL A 61 -3.69 -19.97 0.59
N HIS A 62 -3.26 -20.58 1.66
CA HIS A 62 -1.99 -21.34 1.64
C HIS A 62 -2.26 -22.65 2.35
N GLY A 63 -2.58 -23.70 1.58
CA GLY A 63 -3.11 -24.93 2.18
C GLY A 63 -4.42 -24.65 2.88
N ASP A 64 -4.54 -25.01 4.16
CA ASP A 64 -5.77 -24.76 4.95
C ASP A 64 -5.77 -23.34 5.55
N LEU A 65 -4.65 -22.63 5.46
CA LEU A 65 -4.57 -21.26 6.07
C LEU A 65 -5.19 -20.22 5.15
N VAL A 66 -6.14 -19.47 5.63
CA VAL A 66 -6.78 -18.37 4.86
C VAL A 66 -6.50 -17.05 5.58
N LEU A 67 -5.72 -16.20 4.96
CA LEU A 67 -5.37 -14.85 5.50
C LEU A 67 -6.12 -13.79 4.74
N THR A 68 -6.67 -12.84 5.47
CA THR A 68 -7.59 -11.84 4.93
C THR A 68 -7.09 -10.44 5.28
N ASP A 69 -5.80 -10.27 5.40
CA ASP A 69 -5.22 -8.94 5.73
C ASP A 69 -3.79 -8.94 5.20
N SER A 70 -3.44 -7.92 4.45
CA SER A 70 -2.08 -7.77 3.84
C SER A 70 -1.00 -7.91 4.90
N HIS A 71 -1.22 -7.41 6.10
CA HIS A 71 -0.13 -7.38 7.11
C HIS A 71 0.17 -8.78 7.61
N ALA A 72 -0.87 -9.61 7.76
CA ALA A 72 -0.71 -11.04 8.09
C ALA A 72 -0.05 -11.74 6.91
N ILE A 73 -0.43 -11.40 5.68
CA ILE A 73 0.16 -12.05 4.47
C ILE A 73 1.64 -11.72 4.39
N LEU A 74 2.01 -10.47 4.60
CA LEU A 74 3.42 -10.07 4.54
C LEU A 74 4.22 -10.85 5.59
N ILE A 75 3.72 -10.90 6.81
CA ILE A 75 4.43 -11.63 7.90
C ILE A 75 4.51 -13.12 7.57
N HIS A 76 3.43 -13.73 7.16
CA HIS A 76 3.41 -15.18 6.87
C HIS A 76 4.42 -15.48 5.77
N LEU A 77 4.38 -14.72 4.69
CA LEU A 77 5.26 -14.99 3.56
C LEU A 77 6.71 -14.75 3.97
N ALA A 78 7.02 -13.73 4.75
CA ALA A 78 8.40 -13.52 5.21
C ALA A 78 8.83 -14.70 6.07
N GLU A 79 7.97 -15.18 6.96
CA GLU A 79 8.36 -16.30 7.86
C GLU A 79 8.58 -17.56 7.05
N LYS A 80 7.82 -17.81 5.99
CA LYS A 80 7.92 -19.08 5.22
C LYS A 80 8.96 -18.98 4.13
N PHE A 81 9.22 -17.81 3.56
CA PHE A 81 10.06 -17.70 2.34
C PHE A 81 11.29 -16.83 2.55
N ASP A 82 11.41 -16.24 3.74
CA ASP A 82 12.62 -15.48 4.08
C ASP A 82 13.03 -15.75 5.53
N GLU A 83 12.93 -17.00 5.97
CA GLU A 83 13.31 -17.35 7.36
C GLU A 83 14.74 -16.85 7.66
N GLY A 84 14.95 -16.19 8.80
CA GLY A 84 16.28 -15.65 9.16
C GLY A 84 16.64 -14.37 8.42
N GLY A 85 15.75 -13.82 7.59
CA GLY A 85 16.05 -12.61 6.84
C GLY A 85 15.88 -11.35 7.68
N SER A 86 16.12 -10.23 7.04
CA SER A 86 16.08 -8.90 7.70
C SER A 86 14.75 -8.18 7.45
N LEU A 87 13.90 -8.67 6.57
CA LEU A 87 12.60 -7.95 6.32
C LEU A 87 11.68 -8.05 7.52
N TRP A 88 11.76 -9.16 8.24
CA TRP A 88 10.93 -9.47 9.41
C TRP A 88 11.91 -9.99 10.45
N PRO A 89 12.62 -9.09 11.14
CA PRO A 89 13.82 -9.47 11.88
C PRO A 89 13.49 -10.38 13.06
N GLN A 90 14.42 -11.28 13.39
CA GLN A 90 14.22 -12.24 14.49
C GLN A 90 14.40 -11.54 15.84
N GLU A 91 15.22 -10.52 15.93
CA GLU A 91 15.43 -9.83 17.23
C GLU A 91 14.09 -9.24 17.66
N HIS A 92 13.67 -9.52 18.89
CA HIS A 92 12.30 -9.18 19.36
C HIS A 92 12.05 -7.68 19.22
N ALA A 93 12.89 -6.81 19.73
CA ALA A 93 12.62 -5.35 19.70
C ALA A 93 12.51 -4.85 18.27
N GLU A 94 13.36 -5.32 17.38
N GLU A 94 13.33 -5.34 17.36
CA GLU A 94 13.34 -4.92 15.95
CA GLU A 94 13.30 -4.86 15.97
C GLU A 94 12.04 -5.39 15.32
C GLU A 94 12.02 -5.39 15.31
N ARG A 95 11.66 -6.62 15.60
N ARG A 95 11.67 -6.62 15.61
CA ARG A 95 10.40 -7.21 15.05
CA ARG A 95 10.42 -7.19 15.05
C ARG A 95 9.21 -6.41 15.55
C ARG A 95 9.23 -6.37 15.54
N MET A 96 9.19 -6.04 16.82
CA MET A 96 8.07 -5.26 17.36
C MET A 96 8.04 -3.88 16.72
N LYS A 97 9.16 -3.25 16.39
CA LYS A 97 9.14 -1.96 15.70
C LYS A 97 8.52 -2.13 14.32
N VAL A 98 8.90 -3.17 13.57
CA VAL A 98 8.30 -3.41 12.25
C VAL A 98 6.81 -3.67 12.40
N LEU A 99 6.40 -4.48 13.36
CA LEU A 99 4.97 -4.76 13.60
C LEU A 99 4.24 -3.45 13.91
N ASN A 100 4.81 -2.61 14.75
CA ASN A 100 4.19 -1.36 15.17
C ASN A 100 3.93 -0.49 13.95
N LEU A 101 4.85 -0.49 12.98
N LEU A 101 4.88 -0.44 13.00
CA LEU A 101 4.73 0.33 11.77
CA LEU A 101 4.76 0.36 11.76
C LEU A 101 3.73 -0.30 10.77
C LEU A 101 3.75 -0.29 10.79
N LEU A 102 3.70 -1.61 10.70
CA LEU A 102 2.64 -2.27 9.91
C LEU A 102 1.27 -1.86 10.42
N LEU A 103 1.15 -1.78 11.74
CA LEU A 103 -0.15 -1.40 12.35
C LEU A 103 -0.44 0.09 12.16
N PHE A 104 0.55 0.97 12.16
CA PHE A 104 0.35 2.38 11.77
C PHE A 104 -0.21 2.41 10.36
N GLU A 105 0.33 1.59 9.45
CA GLU A 105 -0.15 1.59 8.05
C GLU A 105 -1.62 1.19 8.08
N CYS A 106 -1.96 0.11 8.79
CA CYS A 106 -3.35 -0.39 8.82
C CYS A 106 -4.29 0.64 9.43
N SER A 107 -3.92 1.14 10.59
N SER A 107 -3.95 1.15 10.61
CA SER A 107 -4.81 1.88 11.51
CA SER A 107 -4.91 1.87 11.46
C SER A 107 -4.93 3.35 11.13
C SER A 107 -4.96 3.38 11.15
N PHE A 108 -3.90 3.95 10.55
CA PHE A 108 -3.77 5.42 10.41
C PHE A 108 -3.67 5.77 8.92
N LEU A 109 -2.58 5.37 8.25
CA LEU A 109 -2.34 5.82 6.86
C LEU A 109 -3.39 5.23 5.93
N PHE A 110 -3.56 3.92 5.94
CA PHE A 110 -4.54 3.30 5.04
C PHE A 110 -5.93 3.76 5.42
N ARG A 111 -6.26 3.81 6.70
CA ARG A 111 -7.62 4.21 7.11
C ARG A 111 -7.93 5.54 6.44
N ARG A 112 -7.04 6.51 6.54
CA ARG A 112 -7.33 7.86 6.03
C ARG A 112 -7.30 7.87 4.50
N ASP A 113 -6.38 7.14 3.86
N ASP A 113 -6.46 7.11 3.83
CA ASP A 113 -6.35 7.04 2.38
CA ASP A 113 -6.47 7.14 2.36
C ASP A 113 -7.71 6.50 1.91
C ASP A 113 -7.73 6.43 1.83
N SER A 114 -8.09 5.35 2.48
CA SER A 114 -9.32 4.61 2.14
C SER A 114 -10.53 5.50 2.38
N ASP A 115 -10.59 6.22 3.48
CA ASP A 115 -11.75 7.13 3.71
C ASP A 115 -11.84 8.13 2.56
N PHE A 116 -10.75 8.74 2.15
CA PHE A 116 -10.74 9.76 1.07
C PHE A 116 -11.12 9.11 -0.26
N MET A 117 -10.47 8.00 -0.62
CA MET A 117 -10.68 7.36 -1.93
C MET A 117 -12.09 6.78 -2.03
N SER A 118 -12.57 6.16 -0.96
N SER A 118 -12.57 6.15 -0.95
N SER A 118 -12.57 6.16 -0.96
CA SER A 118 -13.93 5.57 -0.91
CA SER A 118 -13.93 5.55 -0.89
CA SER A 118 -13.93 5.56 -0.97
C SER A 118 -14.97 6.67 -1.05
C SER A 118 -14.98 6.67 -1.05
C SER A 118 -14.99 6.66 -1.04
N ALA A 119 -14.80 7.78 -0.35
CA ALA A 119 -15.73 8.95 -0.46
C ALA A 119 -15.74 9.39 -1.92
N THR A 120 -14.58 9.48 -2.57
CA THR A 120 -14.50 9.98 -3.94
C THR A 120 -15.23 9.05 -4.87
N VAL A 121 -15.12 7.74 -4.72
CA VAL A 121 -15.81 6.76 -5.61
C VAL A 121 -17.31 6.81 -5.37
N ARG A 122 -17.71 6.86 -4.11
CA ARG A 122 -19.16 6.75 -3.74
C ARG A 122 -19.87 8.06 -4.05
N GLN A 123 -19.26 9.20 -3.82
CA GLN A 123 -19.94 10.51 -3.87
C GLN A 123 -19.58 11.30 -5.11
N GLY A 124 -18.45 11.00 -5.78
CA GLY A 124 -17.89 11.87 -6.80
C GLY A 124 -17.00 12.93 -6.20
N PHE A 125 -15.90 13.27 -6.86
CA PHE A 125 -14.89 14.19 -6.31
C PHE A 125 -15.51 15.54 -5.95
N ALA A 126 -16.49 15.99 -6.76
CA ALA A 126 -17.16 17.31 -6.54
C ALA A 126 -17.89 17.33 -5.20
N ASN A 127 -18.28 16.18 -4.67
CA ASN A 127 -19.09 16.06 -3.43
C ASN A 127 -18.22 15.64 -2.23
N VAL A 128 -16.90 15.67 -2.38
CA VAL A 128 -15.97 15.32 -1.26
C VAL A 128 -15.46 16.60 -0.62
N ASP A 129 -15.27 16.55 0.68
CA ASP A 129 -14.64 17.64 1.47
C ASP A 129 -13.12 17.45 1.34
N VAL A 130 -12.57 17.93 0.26
CA VAL A 130 -11.15 17.67 -0.10
C VAL A 130 -10.28 18.31 0.98
N ALA A 131 -10.60 19.51 1.49
CA ALA A 131 -9.78 20.17 2.51
C ALA A 131 -9.71 19.31 3.77
N HIS A 132 -10.79 18.66 4.14
CA HIS A 132 -10.82 17.76 5.30
C HIS A 132 -9.81 16.62 5.09
N HIS A 133 -9.92 15.96 3.95
CA HIS A 133 -9.03 14.82 3.64
C HIS A 133 -7.59 15.28 3.49
N GLU A 134 -7.35 16.47 2.94
N GLU A 134 -7.37 16.47 2.96
CA GLU A 134 -5.97 17.03 2.85
CA GLU A 134 -5.99 17.01 2.85
C GLU A 134 -5.40 17.14 4.27
C GLU A 134 -5.40 17.14 4.26
N ARG A 135 -6.18 17.63 5.22
CA ARG A 135 -5.66 17.77 6.58
C ARG A 135 -5.34 16.39 7.15
N LYS A 136 -6.25 15.45 7.00
N LYS A 136 -6.26 15.46 7.01
CA LYS A 136 -6.05 14.11 7.59
CA LYS A 136 -6.10 14.09 7.54
C LYS A 136 -4.84 13.43 6.96
C LYS A 136 -4.85 13.43 6.95
N LEU A 137 -4.64 13.56 5.65
CA LEU A 137 -3.52 12.86 4.99
C LEU A 137 -2.21 13.59 5.19
N THR A 138 -2.23 14.93 5.20
N THR A 138 -2.20 14.92 5.24
CA THR A 138 -1.03 15.71 5.57
CA THR A 138 -0.92 15.62 5.54
C THR A 138 -0.59 15.33 6.99
C THR A 138 -0.56 15.33 7.01
N GLU A 139 -1.52 15.10 7.91
CA GLU A 139 -1.17 14.68 9.26
C GLU A 139 -0.42 13.35 9.20
N ALA A 140 -0.81 12.43 8.29
CA ALA A 140 -0.05 11.18 8.13
C ALA A 140 1.36 11.46 7.59
N TYR A 141 1.50 12.39 6.64
CA TYR A 141 2.83 12.79 6.11
C TYR A 141 3.71 13.30 7.25
N ILE A 142 3.16 14.11 8.14
CA ILE A 142 3.92 14.68 9.29
C ILE A 142 4.46 13.54 10.14
N ILE A 143 3.63 12.54 10.39
CA ILE A 143 4.03 11.39 11.22
C ILE A 143 5.15 10.61 10.54
N MET A 144 4.99 10.30 9.26
CA MET A 144 6.04 9.51 8.56
C MET A 144 7.34 10.32 8.45
N GLU A 145 7.25 11.64 8.27
CA GLU A 145 8.48 12.47 8.26
C GLU A 145 9.20 12.32 9.60
N ARG A 146 8.45 12.28 10.70
CA ARG A 146 9.06 12.06 12.04
C ARG A 146 9.63 10.65 12.13
N TYR A 147 8.95 9.61 11.64
CA TYR A 147 9.50 8.24 11.69
C TYR A 147 10.85 8.16 10.97
N LEU A 148 11.09 9.01 9.96
CA LEU A 148 12.34 8.98 9.19
C LEU A 148 13.41 9.95 9.72
N GLU A 149 13.20 10.55 10.89
N GLU A 149 13.18 10.55 10.89
CA GLU A 149 14.13 11.60 11.39
CA GLU A 149 14.12 11.57 11.42
C GLU A 149 15.53 11.01 11.58
C GLU A 149 15.52 11.00 11.57
N ASN A 150 15.65 9.76 12.04
CA ASN A 150 16.95 9.15 12.41
C ASN A 150 17.24 7.90 11.59
N SER A 151 16.50 7.63 10.52
CA SER A 151 16.76 6.41 9.74
C SER A 151 16.27 6.59 8.32
N ASP A 152 16.88 5.89 7.39
N ASP A 152 16.95 5.92 7.39
CA ASP A 152 16.52 6.04 5.96
CA ASP A 152 16.66 5.96 5.94
C ASP A 152 15.48 5.02 5.51
C ASP A 152 15.43 5.11 5.60
N PHE A 153 15.06 4.12 6.43
CA PHE A 153 13.85 3.30 6.19
C PHE A 153 12.95 3.47 7.39
N MET A 154 11.71 3.00 7.23
CA MET A 154 10.65 3.33 8.22
C MET A 154 10.97 2.73 9.59
N ALA A 155 11.58 1.54 9.66
CA ALA A 155 11.85 0.85 10.94
C ALA A 155 13.33 0.83 11.29
N GLY A 156 14.18 1.58 10.62
CA GLY A 156 15.63 1.49 10.88
C GLY A 156 16.46 1.62 9.62
N PRO A 157 17.73 1.20 9.66
CA PRO A 157 18.64 1.41 8.55
C PRO A 157 18.47 0.42 7.42
N GLN A 158 17.57 -0.58 7.56
CA GLN A 158 17.38 -1.58 6.49
C GLN A 158 15.90 -1.67 6.06
N LEU A 159 15.69 -2.02 4.81
CA LEU A 159 14.37 -2.35 4.26
C LEU A 159 13.70 -3.42 5.12
N THR A 160 12.44 -3.19 5.47
CA THR A 160 11.63 -4.17 6.20
C THR A 160 10.23 -4.26 5.59
N LEU A 161 9.44 -5.19 6.10
CA LEU A 161 8.04 -5.28 5.67
C LEU A 161 7.34 -3.95 5.85
N ALA A 162 7.71 -3.15 6.85
CA ALA A 162 7.01 -1.88 7.08
C ALA A 162 7.11 -1.00 5.85
N ASP A 163 8.28 -0.96 5.18
CA ASP A 163 8.45 -0.10 4.00
C ASP A 163 7.54 -0.58 2.88
N LEU A 164 7.45 -1.90 2.71
CA LEU A 164 6.62 -2.46 1.61
C LEU A 164 5.14 -2.12 1.84
N SER A 165 4.67 -2.23 3.07
CA SER A 165 3.27 -1.91 3.43
C SER A 165 3.01 -0.42 3.21
N ILE A 166 3.91 0.44 3.70
CA ILE A 166 3.67 1.90 3.68
C ILE A 166 3.85 2.46 2.29
N VAL A 167 4.82 2.00 1.49
CA VAL A 167 5.12 2.71 0.23
C VAL A 167 3.97 2.67 -0.74
N THR A 168 3.20 1.59 -0.76
CA THR A 168 2.11 1.46 -1.73
C THR A 168 1.02 2.45 -1.41
N THR A 169 0.63 2.54 -0.14
CA THR A 169 -0.39 3.52 0.26
C THR A 169 0.18 4.93 0.10
N LEU A 170 1.45 5.15 0.46
CA LEU A 170 2.04 6.49 0.32
C LEU A 170 1.98 6.89 -1.17
N SER A 171 2.37 6.01 -2.09
CA SER A 171 2.35 6.33 -3.53
C SER A 171 0.94 6.73 -3.93
N THR A 172 -0.06 6.08 -3.34
CA THR A 172 -1.47 6.30 -3.66
C THR A 172 -1.93 7.65 -3.13
N VAL A 173 -1.63 7.98 -1.89
CA VAL A 173 -1.96 9.31 -1.32
C VAL A 173 -1.30 10.39 -2.19
N ASN A 174 -0.07 10.16 -2.61
CA ASN A 174 0.73 11.15 -3.35
C ASN A 174 0.27 11.27 -4.80
N LEU A 175 -0.67 10.49 -5.29
CA LEU A 175 -1.36 10.89 -6.55
C LEU A 175 -2.05 12.23 -6.35
N MET A 176 -2.57 12.47 -5.15
CA MET A 176 -3.39 13.64 -4.82
C MET A 176 -2.57 14.71 -4.09
N PHE A 177 -1.84 14.35 -3.07
CA PHE A 177 -1.24 15.35 -2.13
C PHE A 177 0.27 15.34 -2.29
N PRO A 178 0.87 16.51 -2.58
CA PRO A 178 2.31 16.58 -2.87
C PRO A 178 3.19 16.36 -1.64
N LEU A 179 4.41 15.97 -1.99
N LEU A 179 4.46 16.08 -1.88
CA LEU A 179 5.55 15.74 -1.06
CA LEU A 179 5.42 15.82 -0.76
C LEU A 179 6.58 16.85 -1.26
C LEU A 179 6.41 16.98 -0.59
N SER A 180 6.16 18.10 -1.14
N SER A 180 6.06 18.13 -1.18
CA SER A 180 7.09 19.26 -1.26
CA SER A 180 6.90 19.37 -1.25
C SER A 180 7.54 19.73 0.13
C SER A 180 7.51 19.71 0.10
N GLN A 181 6.81 19.47 1.19
CA GLN A 181 7.10 19.97 2.55
C GLN A 181 7.58 18.84 3.48
N PHE A 182 7.87 17.65 2.93
CA PHE A 182 8.21 16.42 3.68
C PHE A 182 9.45 15.83 3.04
N PRO A 183 10.62 16.48 3.24
CA PRO A 183 11.81 16.08 2.50
C PRO A 183 12.35 14.68 2.81
N ARG A 184 12.34 14.28 4.08
CA ARG A 184 12.80 12.90 4.40
C ARG A 184 11.84 11.89 3.76
N LEU A 185 10.56 12.17 3.78
CA LEU A 185 9.55 11.25 3.20
C LEU A 185 9.72 11.19 1.69
N ARG A 186 9.95 12.35 1.06
CA ARG A 186 10.16 12.36 -0.40
C ARG A 186 11.43 11.58 -0.75
N ARG A 187 12.48 11.76 0.03
CA ARG A 187 13.79 11.08 -0.24
C ARG A 187 13.63 9.58 -0.06
N TRP A 188 12.90 9.16 0.98
CA TRP A 188 12.60 7.74 1.21
C TRP A 188 11.79 7.19 0.01
N PHE A 189 10.77 7.91 -0.44
CA PHE A 189 9.93 7.40 -1.55
C PHE A 189 10.81 7.25 -2.80
N THR A 190 11.63 8.27 -3.07
CA THR A 190 12.58 8.24 -4.21
C THR A 190 13.47 7.02 -4.10
N ALA A 191 14.00 6.72 -2.94
CA ALA A 191 14.85 5.55 -2.74
C ALA A 191 14.04 4.25 -2.97
N MET A 192 12.82 4.17 -2.43
CA MET A 192 11.99 2.95 -2.66
C MET A 192 11.74 2.77 -4.15
N GLN A 193 11.57 3.83 -4.90
CA GLN A 193 11.32 3.74 -6.37
C GLN A 193 12.52 3.15 -7.12
N GLN A 194 13.70 3.13 -6.53
CA GLN A 194 14.88 2.59 -7.24
C GLN A 194 14.95 1.08 -7.05
N LEU A 195 14.20 0.49 -6.13
CA LEU A 195 14.24 -0.97 -5.90
C LEU A 195 13.55 -1.66 -7.05
N ASP A 196 14.14 -2.75 -7.56
N ASP A 196 14.19 -2.76 -7.51
CA ASP A 196 13.48 -3.49 -8.67
CA ASP A 196 13.61 -3.68 -8.53
C ASP A 196 12.11 -3.98 -8.18
C ASP A 196 12.17 -3.98 -8.17
N ALA A 197 11.95 -4.32 -6.90
CA ALA A 197 10.65 -4.82 -6.42
C ALA A 197 9.56 -3.75 -6.60
N TYR A 198 9.92 -2.46 -6.59
CA TYR A 198 8.94 -1.36 -6.75
C TYR A 198 8.22 -1.46 -8.07
N GLU A 199 8.81 -2.11 -9.07
N GLU A 199 8.82 -2.12 -9.07
CA GLU A 199 8.11 -2.28 -10.37
CA GLU A 199 8.14 -2.33 -10.37
C GLU A 199 6.74 -2.92 -10.13
C GLU A 199 6.74 -2.92 -10.14
N ALA A 200 6.58 -3.76 -9.11
CA ALA A 200 5.30 -4.44 -8.85
C ALA A 200 4.24 -3.45 -8.37
N ASN A 201 4.61 -2.23 -7.95
CA ASN A 201 3.63 -1.20 -7.54
C ASN A 201 3.09 -0.49 -8.78
N CYS A 202 3.82 -0.48 -9.90
CA CYS A 202 3.57 0.59 -10.92
C CYS A 202 2.30 0.40 -11.73
N SER A 203 2.04 -0.81 -12.23
CA SER A 203 0.86 -1.06 -13.08
C SER A 203 -0.40 -0.75 -12.29
N GLY A 204 -0.49 -1.24 -11.06
CA GLY A 204 -1.73 -1.06 -10.28
C GLY A 204 -1.89 0.36 -9.79
N LEU A 205 -0.80 1.08 -9.48
CA LEU A 205 -0.94 2.51 -9.13
C LEU A 205 -1.55 3.26 -10.31
N GLU A 206 -1.04 2.96 -11.51
CA GLU A 206 -1.54 3.68 -12.71
C GLU A 206 -2.98 3.30 -13.01
N LYS A 207 -3.31 2.02 -12.88
N LYS A 207 -3.30 2.01 -12.88
CA LYS A 207 -4.72 1.58 -13.08
CA LYS A 207 -4.70 1.58 -13.07
C LYS A 207 -5.61 2.26 -12.05
C LYS A 207 -5.60 2.27 -12.05
N LEU A 208 -5.16 2.38 -10.80
CA LEU A 208 -5.97 3.08 -9.78
C LEU A 208 -6.14 4.53 -10.18
N ARG A 209 -5.07 5.18 -10.61
CA ARG A 209 -5.17 6.61 -11.01
C ARG A 209 -6.24 6.75 -12.07
N GLN A 210 -6.20 5.91 -13.10
CA GLN A 210 -7.15 6.04 -14.22
C GLN A 210 -8.55 5.68 -13.74
N THR A 211 -8.72 4.64 -12.93
CA THR A 211 -10.05 4.25 -12.46
C THR A 211 -10.63 5.39 -11.61
N MET A 212 -9.85 5.93 -10.68
CA MET A 212 -10.38 6.99 -9.80
C MET A 212 -10.79 8.21 -10.63
N GLU A 213 -9.97 8.62 -11.59
CA GLU A 213 -10.32 9.84 -12.38
C GLU A 213 -11.62 9.58 -13.16
N SER A 214 -11.85 8.37 -13.63
CA SER A 214 -13.08 8.03 -14.38
C SER A 214 -14.28 8.01 -13.44
N VAL A 215 -14.22 7.19 -12.39
N VAL A 215 -14.23 7.19 -12.39
CA VAL A 215 -15.41 6.97 -11.51
CA VAL A 215 -15.41 6.97 -11.50
C VAL A 215 -15.67 8.21 -10.68
C VAL A 215 -15.67 8.23 -10.68
N GLY A 216 -14.62 8.94 -10.26
CA GLY A 216 -14.75 10.14 -9.42
C GLY A 216 -15.02 11.39 -10.24
N SER A 217 -14.82 11.33 -11.56
N SER A 217 -14.85 11.28 -11.55
CA SER A 217 -15.04 12.47 -12.48
CA SER A 217 -14.99 12.39 -12.52
C SER A 217 -14.12 13.65 -12.13
C SER A 217 -14.14 13.57 -12.05
N PHE A 218 -12.81 13.40 -12.09
CA PHE A 218 -11.86 14.46 -11.76
C PHE A 218 -10.50 14.09 -12.34
N GLN A 219 -9.54 15.01 -12.21
N GLN A 219 -9.55 15.02 -12.22
CA GLN A 219 -8.12 14.74 -12.51
CA GLN A 219 -8.12 14.74 -12.51
C GLN A 219 -7.29 15.03 -11.27
C GLN A 219 -7.30 15.02 -11.27
N PHE A 220 -6.44 14.08 -10.90
CA PHE A 220 -5.44 14.36 -9.86
C PHE A 220 -4.55 15.51 -10.34
N PRO A 221 -4.05 16.35 -9.42
CA PRO A 221 -3.10 17.40 -9.81
C PRO A 221 -1.85 16.77 -10.42
N SER A 222 -1.49 17.10 -11.66
CA SER A 222 -0.40 16.41 -12.39
C SER A 222 0.94 16.60 -11.67
N SER A 223 1.10 17.70 -10.93
CA SER A 223 2.36 18.05 -10.23
C SER A 223 2.54 17.22 -8.96
N SER A 224 1.53 16.55 -8.42
CA SER A 224 1.68 15.96 -7.07
C SER A 224 2.57 14.73 -7.08
N ALA A 225 2.32 13.78 -7.95
CA ALA A 225 3.01 12.48 -7.91
C ALA A 225 4.52 12.68 -8.07
N VAL A 226 5.30 12.04 -7.25
CA VAL A 226 6.76 11.99 -7.43
C VAL A 226 7.06 10.83 -8.34
N VAL A 227 7.70 11.08 -9.48
CA VAL A 227 8.00 10.02 -10.48
C VAL A 227 9.47 10.15 -10.85
N THR A 228 10.27 9.22 -10.41
CA THR A 228 11.72 9.21 -10.71
C THR A 228 11.95 8.65 -12.12
N GLU A 229 13.13 8.95 -12.67
CA GLU A 229 13.55 8.54 -14.03
C GLU A 229 13.39 7.02 -14.21
N LYS A 230 13.78 6.26 -13.19
CA LYS A 230 13.74 4.77 -13.29
C LYS A 230 12.31 4.31 -13.58
N VAL A 231 11.33 4.93 -12.95
CA VAL A 231 9.90 4.54 -13.00
CA VAL A 231 9.90 4.49 -13.03
C VAL A 231 9.18 5.24 -14.16
N GLU A 232 9.78 6.30 -14.70
CA GLU A 232 9.18 6.98 -15.88
C GLU A 232 9.53 6.14 -17.12
N1 GSH B . -6.47 -4.13 6.42
CA1 GSH B . -6.76 -4.75 5.10
C1 GSH B . -5.46 -5.28 4.55
O11 GSH B . -4.42 -4.73 4.93
O12 GSH B . -5.52 -6.23 3.72
CB1 GSH B . -7.44 -3.74 4.18
CG1 GSH B . -7.98 -4.43 2.93
CD1 GSH B . -8.94 -3.59 2.15
OE1 GSH B . -9.78 -2.87 2.72
N2 GSH B . -8.83 -3.63 0.81
CA2 GSH B . -9.74 -2.94 -0.08
C2 GSH B . -10.92 -3.82 -0.49
O2 GSH B . -10.72 -5.00 -0.77
CB2 GSH B . -9.03 -2.43 -1.31
SG2 GSH B . -7.75 -1.19 -0.97
N3 GSH B . -12.12 -3.23 -0.65
CA3 GSH B . -13.29 -3.96 -1.10
C3 GSH B . -14.46 -3.89 -0.15
O31 GSH B . -14.27 -3.44 1.01
O32 GSH B . -15.55 -4.35 -0.55
C1 MPD C . -11.13 3.30 -3.92
C2 MPD C . -10.97 2.27 -2.81
O2 MPD C . -10.05 2.83 -1.84
CM MPD C . -12.31 1.97 -2.16
C3 MPD C . -10.37 0.95 -3.31
C4 MPD C . -9.04 1.03 -3.98
O4 MPD C . -7.98 1.34 -3.03
C5 MPD C . -8.70 -0.21 -4.71
#